data_4MK1
#
_entry.id   4MK1
#
_cell.length_a   88.932
_cell.length_b   101.655
_cell.length_c   66.212
_cell.angle_alpha   90.00
_cell.angle_beta   90.00
_cell.angle_gamma   90.00
#
_symmetry.space_group_name_H-M   'C 2 2 21'
#
loop_
_entity.id
_entity.type
_entity.pdbx_description
1 polymer 'POLYMERASE PA'
2 non-polymer 'MANGANESE (II) ION'
3 non-polymer 'SULFATE ION'
4 non-polymer 1,2-ETHANEDIOL
5 non-polymer 5-bromo-3-hydroxypyridin-2(1H)-one
6 water water
#
_entity_poly.entity_id   1
_entity_poly.type   'polypeptide(L)'
_entity_poly.pdbx_seq_one_letter_code
;MAHHHHHHSRAWRHPQFGGHHHHHHALEVLFQGPLGSMEDFVRQCFNPMIVELAEKAMKEYGEDPKIETNKFAAICTHLE
VCFMYSDFHFIDERGESIIVESGDPNALLKHRFEIIEGRDRIMAWTVVNSICNTTGVEKPKFLPDLYDYKENRFIEIGVT
RREVHIYYLEKANKIKSEKTHIHIFSFTGEEMATKADYTLDEESRARIKTRLFTIRQEMASRSLWDSFRQSERGEETVEE
R
;
_entity_poly.pdbx_strand_id   A
#
# COMPACT_ATOMS: atom_id res chain seq x y z
N GLY A 33 3.90 25.38 18.06
CA GLY A 33 2.61 24.76 18.44
C GLY A 33 2.80 23.63 19.42
N PRO A 34 1.69 23.14 20.01
CA PRO A 34 1.74 22.02 20.95
C PRO A 34 2.10 20.72 20.26
N LEU A 35 2.83 19.84 20.94
CA LEU A 35 3.18 18.55 20.36
C LEU A 35 2.05 17.56 20.66
N GLY A 36 1.43 17.04 19.61
CA GLY A 36 0.39 16.03 19.76
C GLY A 36 1.01 14.65 19.94
N SER A 37 0.17 13.64 20.17
CA SER A 37 0.66 12.28 20.18
C SER A 37 0.37 11.61 18.85
N MET A 38 1.29 10.78 18.39
CA MET A 38 1.08 10.02 17.16
C MET A 38 -0.13 9.09 17.30
N GLU A 39 -0.31 8.53 18.49
CA GLU A 39 -1.47 7.71 18.78
C GLU A 39 -2.78 8.42 18.44
N ASP A 40 -2.93 9.65 18.90
CA ASP A 40 -4.12 10.44 18.63
C ASP A 40 -4.25 10.69 17.14
N PHE A 41 -3.15 11.01 16.49
CA PHE A 41 -3.17 11.27 15.07
C PHE A 41 -3.69 10.07 14.27
N VAL A 42 -3.14 8.90 14.57
CA VAL A 42 -3.50 7.69 13.85
C VAL A 42 -4.98 7.37 14.02
N ARG A 43 -5.47 7.44 15.25
CA ARG A 43 -6.85 7.12 15.56
C ARG A 43 -7.84 8.10 14.95
N GLN A 44 -7.42 9.36 14.84
CA GLN A 44 -8.29 10.40 14.29
C GLN A 44 -8.30 10.44 12.77
N CYS A 45 -7.15 10.14 12.15
CA CYS A 45 -6.97 10.36 10.72
C CYS A 45 -7.05 9.11 9.81
N PHE A 46 -7.08 7.92 10.40
CA PHE A 46 -7.27 6.69 9.61
C PHE A 46 -8.56 5.96 10.00
N ASN A 47 -9.16 5.33 8.98
CA ASN A 47 -10.35 4.53 9.15
C ASN A 47 -10.11 3.47 10.22
N PRO A 48 -11.10 3.20 11.07
CA PRO A 48 -10.88 2.19 12.13
C PRO A 48 -10.49 0.82 11.58
N MET A 49 -10.93 0.48 10.38
CA MET A 49 -10.58 -0.79 9.77
C MET A 49 -9.09 -0.87 9.53
N ILE A 50 -8.53 0.23 9.03
CA ILE A 50 -7.11 0.29 8.73
C ILE A 50 -6.33 0.21 10.03
N VAL A 51 -6.78 0.96 11.03
CA VAL A 51 -6.07 0.98 12.31
C VAL A 51 -6.05 -0.41 12.93
N GLU A 52 -7.18 -1.10 12.87
CA GLU A 52 -7.29 -2.44 13.47
C GLU A 52 -6.36 -3.44 12.77
N LEU A 53 -6.35 -3.42 11.45
CA LEU A 53 -5.47 -4.27 10.65
C LEU A 53 -3.99 -4.01 10.96
N ALA A 54 -3.65 -2.73 11.14
CA ALA A 54 -2.29 -2.33 11.45
C ALA A 54 -1.86 -2.83 12.83
N GLU A 55 -2.75 -2.70 13.80
CA GLU A 55 -2.47 -3.21 15.15
C GLU A 55 -2.26 -4.71 15.15
N LYS A 56 -3.10 -5.41 14.39
CA LYS A 56 -3.01 -6.86 14.29
C LYS A 56 -1.68 -7.29 13.65
N ALA A 57 -1.28 -6.57 12.60
CA ALA A 57 -0.01 -6.86 11.93
C ALA A 57 1.19 -6.63 12.85
N MET A 58 1.22 -5.49 13.54
CA MET A 58 2.32 -5.22 14.47
C MET A 58 2.40 -6.26 15.57
N LYS A 59 1.25 -6.69 16.08
CA LYS A 59 1.19 -7.72 17.11
C LYS A 59 1.83 -9.02 16.60
N GLU A 60 1.47 -9.38 15.36
CA GLU A 60 1.94 -10.64 14.81
C GLU A 60 3.45 -10.64 14.75
N TYR A 61 4.02 -9.46 14.48
CA TYR A 61 5.47 -9.34 14.30
C TYR A 61 6.17 -8.91 15.60
N GLY A 62 5.40 -8.82 16.68
CA GLY A 62 5.93 -8.56 18.01
C GLY A 62 6.32 -7.13 18.30
N GLU A 63 5.66 -6.19 17.63
CA GLU A 63 5.90 -4.77 17.87
C GLU A 63 4.68 -4.16 18.53
N ASP A 64 4.91 -3.26 19.47
CA ASP A 64 3.82 -2.65 20.23
C ASP A 64 3.47 -1.28 19.62
N PRO A 65 2.24 -1.11 19.11
CA PRO A 65 1.90 0.16 18.48
C PRO A 65 1.93 1.37 19.44
N LYS A 66 1.89 1.14 20.74
CA LYS A 66 1.95 2.28 21.68
C LYS A 66 3.37 2.73 21.98
N ILE A 67 4.35 2.00 21.44
CA ILE A 67 5.77 2.27 21.67
C ILE A 67 6.39 2.60 20.32
N GLU A 68 6.22 1.73 19.32
CA GLU A 68 6.71 2.06 18.00
C GLU A 68 5.59 2.81 17.29
N THR A 69 5.49 4.09 17.58
CA THR A 69 4.34 4.85 17.13
C THR A 69 4.52 5.40 15.72
N ASN A 70 5.74 5.79 15.38
CA ASN A 70 6.04 6.23 14.01
C ASN A 70 5.87 5.06 13.04
N LYS A 71 6.09 3.88 13.56
CA LYS A 71 5.95 2.64 12.80
C LYS A 71 4.49 2.27 12.58
N PHE A 72 3.71 2.42 13.63
CA PHE A 72 2.28 2.27 13.57
C PHE A 72 1.72 3.27 12.52
N ALA A 73 2.09 4.55 12.55
CA ALA A 73 1.59 5.47 11.52
C ALA A 73 2.03 5.05 10.10
N ALA A 74 3.27 4.58 9.97
CA ALA A 74 3.77 4.12 8.67
C ALA A 74 3.02 2.89 8.14
N ILE A 75 2.70 1.96 9.03
CA ILE A 75 1.95 0.76 8.65
C ILE A 75 0.55 1.14 8.17
N CYS A 76 -0.14 2.02 8.92
CA CYS A 76 -1.45 2.51 8.52
C CYS A 76 -1.40 3.17 7.15
N THR A 77 -0.40 4.03 6.96
CA THR A 77 -0.24 4.78 5.73
C THR A 77 -0.06 3.83 4.56
N HIS A 78 0.85 2.87 4.71
CA HIS A 78 1.13 1.89 3.68
C HIS A 78 -0.11 1.03 3.36
N LEU A 79 -0.84 0.63 4.37
CA LEU A 79 -2.04 -0.18 4.17
C LEU A 79 -3.06 0.68 3.40
N GLU A 80 -3.22 1.92 3.80
CA GLU A 80 -4.16 2.80 3.12
C GLU A 80 -3.81 2.97 1.64
N VAL A 81 -2.52 3.10 1.36
CA VAL A 81 -2.07 3.26 -0.02
C VAL A 81 -2.39 2.00 -0.82
N CYS A 82 -2.19 0.83 -0.22
CA CYS A 82 -2.53 -0.42 -0.89
C CYS A 82 -4.01 -0.44 -1.25
N PHE A 83 -4.87 -0.04 -0.31
CA PHE A 83 -6.30 0.01 -0.57
C PHE A 83 -6.64 1.02 -1.66
N MET A 84 -6.05 2.20 -1.59
CA MET A 84 -6.32 3.25 -2.57
C MET A 84 -5.87 2.85 -3.97
N TYR A 85 -4.81 2.06 -4.05
CA TYR A 85 -4.22 1.63 -5.32
C TYR A 85 -5.18 0.70 -6.07
N SER A 86 -5.95 -0.03 -5.27
CA SER A 86 -6.97 -0.99 -5.67
C SER A 86 -8.31 -0.35 -5.95
N ASP A 87 -8.71 0.62 -5.14
CA ASP A 87 -10.02 1.23 -5.26
C ASP A 87 -10.36 1.69 -6.68
N PHE A 88 -11.59 1.36 -7.04
CA PHE A 88 -12.31 1.82 -8.23
C PHE A 88 -11.81 1.15 -9.49
N HIS A 89 -11.06 0.05 -9.39
CA HIS A 89 -10.46 -0.53 -10.58
C HIS A 89 -11.06 -1.90 -10.74
N PHE A 90 -11.69 -2.09 -11.90
CA PHE A 90 -12.42 -3.32 -12.17
C PHE A 90 -12.08 -3.85 -13.53
N ILE A 91 -12.39 -5.12 -13.73
CA ILE A 91 -12.34 -5.72 -15.05
C ILE A 91 -13.79 -5.93 -15.51
N ASP A 92 -14.12 -5.42 -16.69
CA ASP A 92 -15.49 -5.41 -17.18
C ASP A 92 -15.86 -6.72 -17.89
N GLU A 93 -17.06 -6.75 -18.47
CA GLU A 93 -17.58 -7.98 -19.08
C GLU A 93 -16.77 -8.41 -20.30
N ARG A 94 -16.01 -7.49 -20.89
CA ARG A 94 -15.20 -7.85 -22.07
C ARG A 94 -13.78 -8.22 -21.65
N GLY A 95 -13.47 -8.09 -20.37
CA GLY A 95 -12.14 -8.38 -19.87
C GLY A 95 -11.21 -7.19 -19.85
N GLU A 96 -11.75 -6.00 -20.10
CA GLU A 96 -10.94 -4.79 -20.16
C GLU A 96 -10.95 -4.08 -18.80
N SER A 97 -9.84 -3.45 -18.43
CA SER A 97 -9.79 -2.72 -17.16
C SER A 97 -10.55 -1.41 -17.29
N ILE A 98 -11.36 -1.10 -16.27
CA ILE A 98 -12.12 0.14 -16.23
C ILE A 98 -12.15 0.72 -14.83
N ILE A 99 -12.56 1.97 -14.76
CA ILE A 99 -12.62 2.70 -13.51
C ILE A 99 -14.06 3.07 -13.22
N VAL A 100 -14.54 2.69 -12.04
CA VAL A 100 -15.89 3.02 -11.59
C VAL A 100 -15.77 3.66 -10.23
N GLU A 101 -16.02 4.96 -10.19
CA GLU A 101 -15.85 5.75 -8.98
C GLU A 101 -17.16 5.98 -8.25
N SER A 102 -18.26 5.51 -8.83
CA SER A 102 -19.55 5.59 -8.16
C SER A 102 -19.56 4.55 -7.04
N GLY A 103 -20.66 4.47 -6.30
CA GLY A 103 -20.75 3.55 -5.19
C GLY A 103 -21.11 2.15 -5.64
N ASP A 104 -21.88 2.06 -6.72
CA ASP A 104 -22.33 0.78 -7.24
C ASP A 104 -21.60 0.37 -8.52
N PRO A 105 -20.72 -0.64 -8.43
CA PRO A 105 -20.22 -1.32 -9.63
C PRO A 105 -21.24 -2.39 -10.06
N ASN A 106 -21.61 -2.44 -11.35
CA ASN A 106 -22.56 -3.44 -11.85
C ASN A 106 -22.07 -4.81 -11.37
N ALA A 107 -22.99 -5.72 -11.13
CA ALA A 107 -22.66 -6.99 -10.50
C ALA A 107 -21.71 -7.88 -11.32
N LEU A 108 -21.57 -7.65 -12.63
CA LEU A 108 -20.70 -8.50 -13.46
C LEU A 108 -19.23 -8.07 -13.43
N LEU A 109 -18.93 -6.92 -12.84
CA LEU A 109 -17.56 -6.42 -12.73
C LEU A 109 -16.75 -7.25 -11.76
N LYS A 110 -15.49 -7.44 -12.11
CA LYS A 110 -14.50 -8.10 -11.28
C LYS A 110 -13.47 -7.09 -10.77
N HIS A 111 -13.09 -7.17 -9.51
CA HIS A 111 -12.02 -6.33 -8.98
C HIS A 111 -10.76 -6.63 -9.76
N ARG A 112 -10.07 -5.57 -10.17
CA ARG A 112 -8.83 -5.76 -10.91
C ARG A 112 -7.70 -6.27 -10.05
N PHE A 113 -7.69 -5.87 -8.78
CA PHE A 113 -6.60 -6.23 -7.88
C PHE A 113 -7.07 -7.17 -6.77
N GLU A 114 -6.21 -8.12 -6.44
CA GLU A 114 -6.29 -8.86 -5.19
C GLU A 114 -5.41 -8.14 -4.18
N ILE A 115 -5.93 -7.92 -2.96
CA ILE A 115 -5.16 -7.28 -1.90
C ILE A 115 -4.62 -8.37 -0.97
N ILE A 116 -3.29 -8.45 -0.91
CA ILE A 116 -2.59 -9.41 -0.05
C ILE A 116 -2.23 -8.82 1.31
N GLU A 117 -1.74 -7.59 1.31
CA GLU A 117 -1.40 -6.89 2.54
C GLU A 117 -2.67 -6.75 3.38
N GLY A 118 -2.53 -6.81 4.71
CA GLY A 118 -3.67 -6.71 5.60
C GLY A 118 -4.21 -8.05 6.08
N ARG A 119 -3.85 -9.12 5.38
CA ARG A 119 -4.29 -10.46 5.72
C ARG A 119 -3.28 -11.09 6.68
N ASP A 120 -3.74 -11.95 7.58
CA ASP A 120 -2.78 -12.66 8.41
C ASP A 120 -1.96 -13.63 7.55
N ARG A 121 -0.87 -14.13 8.10
CA ARG A 121 0.08 -14.95 7.36
C ARG A 121 -0.56 -16.10 6.61
N ILE A 122 -1.38 -16.88 7.32
CA ILE A 122 -1.97 -18.07 6.72
C ILE A 122 -2.87 -17.71 5.54
N MET A 123 -3.72 -16.71 5.73
CA MET A 123 -4.67 -16.31 4.69
C MET A 123 -3.94 -15.65 3.53
N ALA A 124 -2.91 -14.87 3.82
CA ALA A 124 -2.16 -14.20 2.78
C ALA A 124 -1.50 -15.23 1.86
N TRP A 125 -0.85 -16.24 2.43
CA TRP A 125 -0.22 -17.27 1.61
C TRP A 125 -1.26 -18.12 0.92
N THR A 126 -2.41 -18.32 1.56
CA THR A 126 -3.49 -19.06 0.92
C THR A 126 -3.90 -18.35 -0.39
N VAL A 127 -4.06 -17.03 -0.32
CA VAL A 127 -4.44 -16.23 -1.47
C VAL A 127 -3.35 -16.24 -2.55
N VAL A 128 -2.12 -16.00 -2.17
CA VAL A 128 -0.98 -16.08 -3.08
C VAL A 128 -0.87 -17.46 -3.78
N ASN A 129 -0.93 -18.54 -3.01
CA ASN A 129 -0.91 -19.88 -3.60
C ASN A 129 -2.01 -20.11 -4.62
N SER A 130 -3.20 -19.61 -4.33
CA SER A 130 -4.33 -19.81 -5.22
C SER A 130 -4.09 -19.10 -6.55
N ILE A 131 -3.55 -17.89 -6.46
CA ILE A 131 -3.27 -17.07 -7.63
C ILE A 131 -2.23 -17.79 -8.48
N CYS A 132 -1.21 -18.31 -7.81
CA CYS A 132 -0.04 -18.85 -8.48
C CYS A 132 -0.38 -20.14 -9.22
N ASN A 133 -0.92 -21.10 -8.49
CA ASN A 133 -1.25 -22.38 -9.10
C ASN A 133 -2.33 -22.22 -10.17
N THR A 134 -3.04 -21.10 -10.13
CA THR A 134 -4.07 -20.79 -11.14
C THR A 134 -3.57 -20.09 -12.39
N THR A 135 -2.92 -18.94 -12.19
CA THR A 135 -2.51 -18.09 -13.29
C THR A 135 -1.20 -18.56 -13.90
N GLY A 136 -0.53 -19.47 -13.19
CA GLY A 136 0.75 -19.98 -13.66
C GLY A 136 1.88 -19.07 -13.21
N VAL A 137 1.53 -17.92 -12.62
CA VAL A 137 2.55 -16.97 -12.17
C VAL A 137 3.32 -17.63 -11.05
N GLU A 138 4.63 -17.39 -11.03
CA GLU A 138 5.50 -18.06 -10.09
C GLU A 138 5.34 -17.50 -8.67
N LYS A 139 5.71 -18.29 -7.69
CA LYS A 139 5.47 -17.95 -6.29
C LYS A 139 6.52 -16.99 -5.77
N PRO A 140 6.10 -15.86 -5.21
CA PRO A 140 7.12 -14.97 -4.68
C PRO A 140 7.73 -15.57 -3.41
N LYS A 141 8.96 -15.17 -3.06
CA LYS A 141 9.58 -15.62 -1.82
C LYS A 141 9.11 -14.88 -0.59
N PHE A 142 8.69 -13.63 -0.77
CA PHE A 142 8.09 -12.81 0.30
C PHE A 142 6.68 -12.40 -0.08
N LEU A 143 5.81 -12.18 0.90
CA LEU A 143 4.45 -11.78 0.61
C LEU A 143 4.50 -10.42 -0.09
N PRO A 144 3.89 -10.31 -1.29
CA PRO A 144 3.74 -9.00 -1.91
C PRO A 144 2.51 -8.29 -1.37
N ASP A 145 2.22 -7.10 -1.89
CA ASP A 145 1.07 -6.32 -1.46
C ASP A 145 -0.23 -6.55 -2.24
N LEU A 146 -0.12 -6.68 -3.56
CA LEU A 146 -1.25 -6.79 -4.45
C LEU A 146 -0.97 -7.81 -5.55
N TYR A 147 -2.03 -8.28 -6.19
CA TYR A 147 -1.91 -8.94 -7.48
C TYR A 147 -2.78 -8.22 -8.47
N ASP A 148 -2.23 -7.97 -9.65
CA ASP A 148 -2.89 -7.23 -10.71
C ASP A 148 -3.37 -8.23 -11.77
N TYR A 149 -4.68 -8.40 -11.89
CA TYR A 149 -5.21 -9.36 -12.85
C TYR A 149 -5.15 -8.86 -14.29
N LYS A 150 -4.99 -7.56 -14.51
CA LYS A 150 -4.81 -7.05 -15.89
C LYS A 150 -3.40 -7.31 -16.39
N GLU A 151 -2.41 -6.92 -15.58
CA GLU A 151 -1.01 -7.01 -15.97
C GLU A 151 -0.44 -8.39 -15.62
N ASN A 152 -1.20 -9.17 -14.87
CA ASN A 152 -0.82 -10.54 -14.53
C ASN A 152 0.49 -10.59 -13.75
N ARG A 153 0.59 -9.80 -12.70
CA ARG A 153 1.80 -9.73 -11.87
C ARG A 153 1.49 -9.31 -10.44
N PHE A 154 2.31 -9.78 -9.51
CA PHE A 154 2.28 -9.26 -8.15
C PHE A 154 2.91 -7.88 -8.10
N ILE A 155 2.49 -7.09 -7.11
CA ILE A 155 3.00 -5.74 -6.90
C ILE A 155 3.44 -5.62 -5.45
N GLU A 156 4.63 -5.05 -5.28
CA GLU A 156 5.11 -4.57 -3.98
C GLU A 156 4.97 -3.06 -3.96
N ILE A 157 4.18 -2.57 -3.01
CA ILE A 157 4.00 -1.13 -2.81
C ILE A 157 5.02 -0.68 -1.78
N GLY A 158 5.59 0.50 -2.00
CA GLY A 158 6.40 1.08 -0.96
C GLY A 158 6.02 2.53 -0.80
N VAL A 159 6.14 2.96 0.45
CA VAL A 159 5.86 4.33 0.85
C VAL A 159 7.02 4.75 1.70
N THR A 160 7.73 5.78 1.24
CA THR A 160 8.97 6.21 1.86
C THR A 160 9.00 7.70 2.17
N ARG A 161 9.67 8.02 3.27
CA ARG A 161 9.99 9.38 3.68
C ARG A 161 11.38 9.79 3.17
N ARG A 162 12.03 8.90 2.42
CA ARG A 162 13.36 9.15 1.88
C ARG A 162 13.28 9.27 0.35
N GLU A 163 14.42 9.36 -0.32
CA GLU A 163 14.41 9.45 -1.79
C GLU A 163 13.88 8.15 -2.38
N VAL A 164 12.97 8.26 -3.34
CA VAL A 164 12.33 7.07 -3.91
C VAL A 164 13.32 6.09 -4.54
N HIS A 165 14.39 6.60 -5.14
CA HIS A 165 15.35 5.74 -5.81
C HIS A 165 16.09 4.85 -4.82
N ILE A 166 16.44 5.43 -3.67
CA ILE A 166 17.16 4.68 -2.64
C ILE A 166 16.27 3.54 -2.16
N TYR A 167 15.03 3.88 -1.85
CA TYR A 167 14.09 2.91 -1.34
C TYR A 167 13.75 1.88 -2.40
N TYR A 168 13.62 2.30 -3.66
CA TYR A 168 13.38 1.34 -4.73
C TYR A 168 14.46 0.26 -4.74
N LEU A 169 15.72 0.66 -4.69
CA LEU A 169 16.83 -0.29 -4.75
C LEU A 169 16.79 -1.24 -3.56
N GLU A 170 16.44 -0.72 -2.39
CA GLU A 170 16.32 -1.54 -1.20
C GLU A 170 15.28 -2.65 -1.38
N LYS A 171 14.10 -2.29 -1.85
CA LYS A 171 13.04 -3.25 -2.12
C LYS A 171 13.50 -4.29 -3.14
N ALA A 172 14.09 -3.81 -4.22
CA ALA A 172 14.48 -4.68 -5.33
C ALA A 172 15.50 -5.71 -4.87
N ASN A 173 16.46 -5.26 -4.07
CA ASN A 173 17.52 -6.15 -3.59
C ASN A 173 16.98 -7.16 -2.60
N LYS A 174 15.88 -6.82 -1.95
CA LYS A 174 15.26 -7.69 -0.95
C LYS A 174 14.49 -8.84 -1.57
N ILE A 175 13.76 -8.56 -2.64
CA ILE A 175 12.93 -9.60 -3.26
C ILE A 175 13.60 -10.27 -4.47
N LYS A 176 14.07 -9.51 -5.45
CA LYS A 176 14.75 -10.09 -6.61
C LYS A 176 13.94 -11.26 -7.22
N SER A 177 12.66 -11.35 -6.90
CA SER A 177 11.80 -12.35 -7.52
C SER A 177 11.74 -11.98 -9.00
N GLU A 178 11.86 -10.68 -9.23
CA GLU A 178 12.01 -10.11 -10.57
C GLU A 178 10.91 -10.58 -11.52
N LYS A 179 9.78 -11.02 -10.98
CA LYS A 179 8.52 -10.90 -11.69
C LYS A 179 7.62 -9.96 -10.92
N THR A 180 8.03 -9.61 -9.70
CA THR A 180 7.18 -8.78 -8.83
C THR A 180 7.46 -7.34 -9.19
N HIS A 181 6.40 -6.62 -9.48
CA HIS A 181 6.51 -5.24 -9.89
C HIS A 181 6.60 -4.35 -8.65
N ILE A 182 7.49 -3.37 -8.67
CA ILE A 182 7.66 -2.50 -7.53
C ILE A 182 7.14 -1.10 -7.88
N HIS A 183 6.36 -0.51 -6.97
CA HIS A 183 5.87 0.85 -7.15
C HIS A 183 6.05 1.59 -5.82
N ILE A 184 6.89 2.63 -5.86
CA ILE A 184 7.26 3.40 -4.68
C ILE A 184 6.62 4.78 -4.74
N PHE A 185 6.02 5.21 -3.63
CA PHE A 185 5.51 6.57 -3.47
C PHE A 185 6.31 7.26 -2.38
N SER A 186 6.53 8.56 -2.51
CA SER A 186 7.09 9.32 -1.41
C SER A 186 6.02 10.29 -0.91
N PHE A 187 6.32 10.96 0.19
CA PHE A 187 5.38 11.90 0.77
C PHE A 187 5.36 13.24 0.05
N THR A 188 6.41 13.48 -0.75
CA THR A 188 6.56 14.71 -1.51
C THR A 188 6.14 14.59 -2.99
N GLY A 189 5.56 13.46 -3.37
CA GLY A 189 4.98 13.35 -4.70
C GLY A 189 5.79 12.56 -5.71
N GLU A 190 7.05 12.26 -5.39
CA GLU A 190 7.87 11.48 -6.31
C GLU A 190 7.39 10.03 -6.34
N GLU A 191 7.59 9.37 -7.48
CA GLU A 191 7.28 7.96 -7.62
C GLU A 191 8.42 7.31 -8.38
N MET A 192 8.60 6.01 -8.15
CA MET A 192 9.49 5.20 -8.95
C MET A 192 8.88 3.83 -9.10
N ALA A 193 8.84 3.33 -10.33
CA ALA A 193 8.26 2.01 -10.58
C ALA A 193 9.12 1.24 -11.56
N THR A 194 9.05 -0.08 -11.42
CA THR A 194 9.82 -1.00 -12.23
C THR A 194 9.63 -0.71 -13.73
N LYS A 195 10.75 -0.60 -14.44
CA LYS A 195 10.75 -0.39 -15.89
C LYS A 195 9.99 0.87 -16.31
N ALA A 196 9.86 1.82 -15.39
CA ALA A 196 9.13 3.07 -15.67
C ALA A 196 7.71 2.76 -16.10
N ASP A 197 7.18 1.66 -15.57
CA ASP A 197 5.82 1.20 -15.81
C ASP A 197 4.98 1.47 -14.56
N TYR A 198 4.07 2.43 -14.65
CA TYR A 198 3.41 2.95 -13.44
C TYR A 198 2.02 2.35 -13.20
N THR A 199 1.64 1.40 -14.05
CA THR A 199 0.43 0.59 -13.88
C THR A 199 -0.87 1.38 -13.98
N LEU A 200 -1.02 2.40 -13.15
CA LEU A 200 -2.26 3.16 -13.06
C LEU A 200 -2.19 4.50 -13.81
N ASP A 201 -3.37 5.03 -14.09
CA ASP A 201 -3.54 6.36 -14.68
C ASP A 201 -3.06 7.44 -13.71
N GLU A 202 -2.80 8.63 -14.23
CA GLU A 202 -2.34 9.74 -13.41
C GLU A 202 -3.32 10.09 -12.28
N GLU A 203 -4.61 10.07 -12.58
CA GLU A 203 -5.62 10.51 -11.63
C GLU A 203 -5.61 9.61 -10.38
N SER A 204 -5.49 8.31 -10.60
CA SER A 204 -5.42 7.35 -9.49
C SER A 204 -4.20 7.60 -8.61
N ARG A 205 -3.05 7.79 -9.24
CA ARG A 205 -1.84 8.02 -8.49
C ARG A 205 -1.89 9.38 -7.83
N ALA A 206 -2.57 10.34 -8.46
CA ALA A 206 -2.76 11.65 -7.84
C ALA A 206 -3.58 11.57 -6.55
N ARG A 207 -4.56 10.67 -6.49
CA ARG A 207 -5.36 10.51 -5.28
C ARG A 207 -4.46 10.08 -4.13
N ILE A 208 -3.60 9.12 -4.42
CA ILE A 208 -2.65 8.62 -3.43
C ILE A 208 -1.68 9.70 -2.98
N LYS A 209 -1.11 10.43 -3.92
CA LYS A 209 -0.18 11.49 -3.58
C LYS A 209 -0.85 12.60 -2.76
N THR A 210 -2.09 12.94 -3.10
CA THR A 210 -2.84 13.94 -2.36
C THR A 210 -3.04 13.48 -0.90
N ARG A 211 -3.37 12.21 -0.73
CA ARG A 211 -3.58 11.65 0.60
C ARG A 211 -2.28 11.72 1.40
N LEU A 212 -1.16 11.33 0.81
CA LEU A 212 0.13 11.38 1.48
C LEU A 212 0.49 12.81 1.87
N PHE A 213 0.13 13.78 1.04
CA PHE A 213 0.46 15.16 1.33
C PHE A 213 -0.40 15.65 2.49
N THR A 214 -1.62 15.15 2.55
CA THR A 214 -2.54 15.49 3.62
C THR A 214 -2.04 14.94 4.94
N ILE A 215 -1.57 13.70 4.91
CA ILE A 215 -1.03 13.06 6.10
C ILE A 215 0.17 13.86 6.61
N ARG A 216 1.12 14.16 5.71
CA ARG A 216 2.29 14.96 6.06
C ARG A 216 1.92 16.32 6.67
N GLN A 217 0.97 17.01 6.04
CA GLN A 217 0.58 18.34 6.49
C GLN A 217 -0.05 18.29 7.89
N GLU A 218 -0.89 17.29 8.12
CA GLU A 218 -1.56 17.15 9.41
C GLU A 218 -0.56 16.79 10.52
N MET A 219 0.37 15.89 10.22
CA MET A 219 1.40 15.54 11.19
C MET A 219 2.21 16.78 11.51
N ALA A 220 2.51 17.55 10.47
CA ALA A 220 3.29 18.77 10.66
C ALA A 220 2.55 19.76 11.55
N SER A 221 1.23 19.88 11.39
CA SER A 221 0.46 20.80 12.25
C SER A 221 0.55 20.38 13.72
N ARG A 222 0.74 19.09 13.94
CA ARG A 222 0.80 18.53 15.29
C ARG A 222 2.25 18.38 15.78
N SER A 223 3.20 18.85 14.96
CA SER A 223 4.63 18.82 15.27
C SER A 223 5.16 17.38 15.35
N LEU A 224 4.52 16.47 14.62
CA LEU A 224 4.91 15.06 14.55
C LEU A 224 5.75 14.67 13.33
N TRP A 225 5.81 15.54 12.32
CA TRP A 225 6.38 15.15 11.03
C TRP A 225 7.89 14.98 11.04
N ASP A 226 8.61 15.95 11.58
CA ASP A 226 10.07 15.94 11.56
C ASP A 226 10.60 14.62 12.10
N SER A 227 10.07 14.19 13.24
CA SER A 227 10.50 12.95 13.85
C SER A 227 10.04 11.72 13.07
N PHE A 228 8.82 11.77 12.55
CA PHE A 228 8.31 10.69 11.73
C PHE A 228 9.21 10.53 10.49
N ARG A 229 9.59 11.64 9.87
CA ARG A 229 10.41 11.54 8.65
C ARG A 229 11.79 10.93 8.96
N GLN A 230 12.42 11.43 10.02
CA GLN A 230 13.75 10.98 10.43
C GLN A 230 13.82 9.56 10.99
N SER A 231 12.68 8.98 11.34
CA SER A 231 12.68 7.69 12.01
C SER A 231 12.84 6.52 11.03
N GLU A 232 12.57 6.75 9.75
CA GLU A 232 12.56 5.63 8.81
C GLU A 232 13.93 4.96 8.78
#